data_6MOG
#
_entry.id   6MOG
#
_cell.length_a   36.250
_cell.length_b   89.810
_cell.length_c   44.270
_cell.angle_alpha   90.00
_cell.angle_beta   99.13
_cell.angle_gamma   90.00
#
_symmetry.space_group_name_H-M   'P 1 21 1'
#
loop_
_entity.id
_entity.type
_entity.pdbx_description
1 polymer 'DARPin C_R3'
2 non-polymer 1,2-ETHANEDIOL
3 non-polymer 'TRIETHYLENE GLYCOL'
4 water water
#
_entity_poly.entity_id   1
_entity_poly.type   'polypeptide(L)'
_entity_poly.pdbx_seq_one_letter_code
;MGHHHHHHSDLGKKLLKAARAGQKDEVRILMANGADVNATDIWDATPLHLAALIGHAEIVAVLLENGADVNASDITGTTP
LHLAATMGHDEIVLILLLKGADVNAYDLNGATPLHLAARMGHKRIVLVLILAGADVNAQDKFGKTAFDISIDNGNEDLAK
ILQKQ
;
_entity_poly.pdbx_strand_id   A,B
#
loop_
_chem_comp.id
_chem_comp.type
_chem_comp.name
_chem_comp.formula
EDO non-polymer 1,2-ETHANEDIOL 'C2 H6 O2'
PGE non-polymer 'TRIETHYLENE GLYCOL' 'C6 H14 O4'
#
# COMPACT_ATOMS: atom_id res chain seq x y z
N HIS A 8 -25.29 28.52 -1.59
CA HIS A 8 -23.96 27.98 -1.81
C HIS A 8 -23.24 27.72 -0.48
N SER A 9 -23.29 28.70 0.42
CA SER A 9 -22.86 28.46 1.79
C SER A 9 -23.67 27.34 2.40
N ASP A 10 -24.98 27.37 2.15
CA ASP A 10 -25.88 26.34 2.65
C ASP A 10 -25.48 24.97 2.12
N LEU A 11 -25.39 24.82 0.79
CA LEU A 11 -25.08 23.51 0.21
C LEU A 11 -23.69 23.06 0.61
N GLY A 12 -22.71 23.97 0.61
CA GLY A 12 -21.38 23.60 1.06
C GLY A 12 -21.36 23.14 2.49
N LYS A 13 -22.09 23.85 3.36
CA LYS A 13 -22.18 23.43 4.76
C LYS A 13 -22.84 22.08 4.89
N LYS A 14 -23.90 21.85 4.11
CA LYS A 14 -24.56 20.56 4.13
C LYS A 14 -23.62 19.44 3.67
N LEU A 15 -22.78 19.72 2.68
CA LEU A 15 -21.82 18.73 2.21
C LEU A 15 -20.76 18.42 3.27
N LEU A 16 -20.24 19.45 3.92
CA LEU A 16 -19.30 19.25 5.02
C LEU A 16 -19.93 18.36 6.09
N LYS A 17 -21.17 18.66 6.46
CA LYS A 17 -21.85 17.87 7.48
C LYS A 17 -22.07 16.44 7.04
N ALA A 18 -22.47 16.24 5.79
CA ALA A 18 -22.73 14.88 5.31
C ALA A 18 -21.44 14.08 5.24
N ALA A 19 -20.35 14.73 4.84
CA ALA A 19 -19.06 14.05 4.79
C ALA A 19 -18.61 13.65 6.20
N ARG A 20 -18.73 14.57 7.15
CA ARG A 20 -18.36 14.29 8.52
C ARG A 20 -19.17 13.13 9.08
N ALA A 21 -20.47 13.10 8.77
CA ALA A 21 -21.35 12.07 9.27
C ALA A 21 -21.22 10.74 8.55
N GLY A 22 -20.54 10.69 7.41
CA GLY A 22 -20.44 9.47 6.64
C GLY A 22 -21.65 9.11 5.82
N GLN A 23 -22.43 10.09 5.38
CA GLN A 23 -23.69 9.86 4.66
C GLN A 23 -23.40 9.83 3.17
N LYS A 24 -23.15 8.64 2.63
CA LYS A 24 -22.66 8.53 1.27
C LYS A 24 -23.69 8.99 0.25
N ASP A 25 -24.94 8.56 0.38
CA ASP A 25 -25.92 8.98 -0.61
C ASP A 25 -26.22 10.46 -0.52
N GLU A 26 -26.19 11.03 0.69
CA GLU A 26 -26.42 12.46 0.81
C GLU A 26 -25.29 13.24 0.16
N VAL A 27 -24.05 12.77 0.33
CA VAL A 27 -22.92 13.38 -0.35
C VAL A 27 -23.15 13.38 -1.85
N ARG A 28 -23.58 12.24 -2.39
CA ARG A 28 -23.79 12.15 -3.84
C ARG A 28 -24.87 13.12 -4.30
N ILE A 29 -25.99 13.17 -3.57
CA ILE A 29 -27.08 14.04 -4.00
C ILE A 29 -26.67 15.50 -3.90
N LEU A 30 -26.01 15.89 -2.81
CA LEU A 30 -25.60 17.28 -2.66
C LEU A 30 -24.68 17.69 -3.79
N MET A 31 -23.72 16.83 -4.15
CA MET A 31 -22.84 17.19 -5.26
CA MET A 31 -22.83 17.10 -5.28
C MET A 31 -23.61 17.25 -6.58
N ALA A 32 -24.58 16.36 -6.80
CA ALA A 32 -25.37 16.44 -8.03
C ALA A 32 -26.14 17.74 -8.13
N ASN A 33 -26.47 18.33 -6.98
CA ASN A 33 -27.20 19.59 -6.91
C ASN A 33 -26.31 20.81 -6.83
N GLY A 34 -25.01 20.64 -7.05
CA GLY A 34 -24.10 21.76 -7.23
C GLY A 34 -23.30 22.16 -6.02
N ALA A 35 -23.31 21.37 -4.95
CA ALA A 35 -22.51 21.70 -3.79
C ALA A 35 -21.04 21.78 -4.17
N ASP A 36 -20.35 22.75 -3.61
CA ASP A 36 -18.93 22.95 -3.86
C ASP A 36 -18.13 21.84 -3.17
N VAL A 37 -17.51 20.97 -3.99
CA VAL A 37 -16.75 19.84 -3.44
C VAL A 37 -15.59 20.29 -2.57
N ASN A 38 -15.11 21.54 -2.76
CA ASN A 38 -14.02 22.10 -1.99
C ASN A 38 -14.48 23.13 -0.97
N ALA A 39 -15.73 23.05 -0.54
CA ALA A 39 -16.22 23.89 0.53
C ALA A 39 -15.32 23.79 1.74
N THR A 40 -15.09 24.91 2.41
CA THR A 40 -14.23 24.93 3.58
C THR A 40 -14.94 25.57 4.76
N ASP A 41 -14.61 25.07 5.95
CA ASP A 41 -15.03 25.65 7.21
CA ASP A 41 -15.07 25.74 7.16
C ASP A 41 -13.95 26.60 7.72
N ILE A 42 -14.14 27.10 8.94
CA ILE A 42 -13.22 28.08 9.52
C ILE A 42 -11.82 27.52 9.69
N TRP A 43 -11.71 26.21 9.86
CA TRP A 43 -10.42 25.54 9.99
C TRP A 43 -9.77 25.27 8.64
N ASP A 44 -10.44 25.69 7.56
CA ASP A 44 -10.06 25.32 6.19
C ASP A 44 -10.15 23.82 5.97
N ALA A 45 -10.98 23.14 6.75
CA ALA A 45 -11.27 21.74 6.50
C ALA A 45 -12.27 21.63 5.36
N THR A 46 -11.98 20.72 4.45
CA THR A 46 -12.86 20.39 3.33
C THR A 46 -13.59 19.09 3.61
N PRO A 47 -14.58 18.75 2.77
CA PRO A 47 -15.23 17.44 2.92
C PRO A 47 -14.23 16.30 2.87
N LEU A 48 -13.20 16.43 2.03
CA LEU A 48 -12.20 15.37 1.93
C LEU A 48 -11.40 15.22 3.22
N HIS A 49 -11.07 16.33 3.89
CA HIS A 49 -10.43 16.23 5.20
C HIS A 49 -11.29 15.45 6.18
N LEU A 50 -12.57 15.79 6.27
CA LEU A 50 -13.46 15.13 7.21
CA LEU A 50 -13.45 15.12 7.22
C LEU A 50 -13.57 13.63 6.91
N ALA A 51 -13.74 13.30 5.64
CA ALA A 51 -13.88 11.90 5.28
C ALA A 51 -12.59 11.12 5.53
N ALA A 52 -11.43 11.75 5.29
CA ALA A 52 -10.16 11.08 5.54
C ALA A 52 -9.91 10.90 7.03
N LEU A 53 -10.31 11.87 7.85
CA LEU A 53 -10.16 11.74 9.31
C LEU A 53 -11.02 10.60 9.84
N ILE A 54 -12.30 10.56 9.46
CA ILE A 54 -13.16 9.57 10.07
CA ILE A 54 -13.25 9.57 10.00
C ILE A 54 -13.00 8.20 9.43
N GLY A 55 -12.46 8.11 8.23
CA GLY A 55 -12.18 6.86 7.60
C GLY A 55 -13.26 6.38 6.66
N HIS A 56 -13.97 7.29 6.00
N HIS A 56 -13.97 7.28 5.98
CA HIS A 56 -15.09 6.99 5.11
CA HIS A 56 -15.04 6.84 5.09
C HIS A 56 -14.51 6.79 3.69
C HIS A 56 -14.49 6.76 3.67
N ALA A 57 -14.08 5.56 3.31
CA ALA A 57 -13.38 5.37 2.04
C ALA A 57 -14.26 5.66 0.84
N GLU A 58 -15.53 5.26 0.87
CA GLU A 58 -16.38 5.50 -0.30
C GLU A 58 -16.61 7.00 -0.50
N ILE A 59 -16.78 7.76 0.58
CA ILE A 59 -16.95 9.20 0.42
C ILE A 59 -15.68 9.85 -0.08
N VAL A 60 -14.51 9.41 0.42
CA VAL A 60 -13.26 9.90 -0.14
C VAL A 60 -13.27 9.70 -1.65
N ALA A 61 -13.60 8.48 -2.10
CA ALA A 61 -13.59 8.19 -3.53
C ALA A 61 -14.60 9.04 -4.30
N VAL A 62 -15.81 9.21 -3.79
CA VAL A 62 -16.85 10.00 -4.46
CA VAL A 62 -16.78 9.97 -4.57
C VAL A 62 -16.42 11.45 -4.59
N LEU A 63 -15.85 12.01 -3.49
CA LEU A 63 -15.39 13.38 -3.55
C LEU A 63 -14.32 13.56 -4.62
N LEU A 64 -13.37 12.64 -4.68
CA LEU A 64 -12.30 12.76 -5.66
C LEU A 64 -12.83 12.62 -7.07
N GLU A 65 -13.84 11.75 -7.29
CA GLU A 65 -14.46 11.61 -8.60
C GLU A 65 -15.08 12.91 -9.08
N ASN A 66 -15.49 13.76 -8.14
CA ASN A 66 -16.16 15.01 -8.42
C ASN A 66 -15.23 16.22 -8.31
N GLY A 67 -13.93 15.99 -8.33
CA GLY A 67 -12.99 17.07 -8.46
C GLY A 67 -12.46 17.66 -7.18
N ALA A 68 -12.61 16.96 -6.05
CA ALA A 68 -12.05 17.45 -4.80
C ALA A 68 -10.56 17.68 -4.96
N ASP A 69 -10.06 18.73 -4.33
CA ASP A 69 -8.64 19.03 -4.30
C ASP A 69 -7.96 18.08 -3.33
N VAL A 70 -7.23 17.12 -3.90
CA VAL A 70 -6.63 16.07 -3.10
C VAL A 70 -5.54 16.61 -2.20
N ASN A 71 -4.99 17.78 -2.53
CA ASN A 71 -3.91 18.40 -1.76
C ASN A 71 -4.37 19.60 -0.96
N ALA A 72 -5.65 19.70 -0.68
CA ALA A 72 -6.15 20.81 0.13
C ALA A 72 -5.44 20.79 1.48
N SER A 73 -5.06 21.97 1.93
CA SER A 73 -4.39 22.14 3.22
CA SER A 73 -4.41 22.09 3.23
CA SER A 73 -4.38 22.15 3.21
C SER A 73 -5.28 22.94 4.15
N ASP A 74 -5.44 22.45 5.38
CA ASP A 74 -6.20 23.17 6.39
C ASP A 74 -5.32 24.27 7.02
N ILE A 75 -5.85 24.95 8.04
CA ILE A 75 -5.18 26.09 8.66
CA ILE A 75 -5.12 26.10 8.57
C ILE A 75 -3.87 25.70 9.34
N THR A 76 -3.68 24.40 9.61
CA THR A 76 -2.44 23.92 10.18
C THR A 76 -1.52 23.30 9.13
N GLY A 77 -1.85 23.45 7.85
CA GLY A 77 -1.06 22.87 6.80
C GLY A 77 -1.27 21.37 6.62
N THR A 78 -2.31 20.82 7.24
CA THR A 78 -2.59 19.40 7.21
C THR A 78 -3.44 19.07 5.98
N THR A 79 -3.01 18.05 5.24
CA THR A 79 -3.73 17.55 4.08
C THR A 79 -4.52 16.32 4.45
N PRO A 80 -5.43 15.89 3.57
CA PRO A 80 -6.14 14.64 3.83
C PRO A 80 -5.20 13.45 3.99
N LEU A 81 -4.10 13.43 3.23
CA LEU A 81 -3.13 12.32 3.38
C LEU A 81 -2.48 12.32 4.75
N HIS A 82 -2.14 13.50 5.30
CA HIS A 82 -1.64 13.54 6.68
C HIS A 82 -2.63 12.88 7.63
N LEU A 83 -3.91 13.23 7.53
CA LEU A 83 -4.92 12.70 8.43
C LEU A 83 -5.06 11.19 8.28
N ALA A 84 -5.11 10.71 7.05
CA ALA A 84 -5.28 9.28 6.84
C ALA A 84 -4.06 8.52 7.35
N ALA A 85 -2.86 9.07 7.12
CA ALA A 85 -1.64 8.42 7.59
C ALA A 85 -1.55 8.37 9.10
N THR A 86 -1.97 9.45 9.79
CA THR A 86 -1.94 9.45 11.24
CA THR A 86 -1.95 9.47 11.26
C THR A 86 -2.96 8.50 11.84
N MET A 87 -4.15 8.43 11.24
CA MET A 87 -5.23 7.62 11.78
C MET A 87 -5.06 6.14 11.47
N GLY A 88 -4.19 5.79 10.55
CA GLY A 88 -4.02 4.40 10.19
C GLY A 88 -5.04 3.89 9.20
N HIS A 89 -5.56 4.76 8.33
CA HIS A 89 -6.58 4.39 7.35
C HIS A 89 -5.89 3.97 6.05
N ASP A 90 -5.47 2.69 6.01
CA ASP A 90 -4.63 2.21 4.91
C ASP A 90 -5.29 2.42 3.55
N GLU A 91 -6.55 2.02 3.43
CA GLU A 91 -7.21 2.12 2.14
C GLU A 91 -7.30 3.57 1.68
N ILE A 92 -7.63 4.48 2.58
CA ILE A 92 -7.74 5.89 2.22
C ILE A 92 -6.38 6.45 1.83
N VAL A 93 -5.31 6.08 2.54
CA VAL A 93 -3.97 6.50 2.12
C VAL A 93 -3.76 6.13 0.66
N LEU A 94 -4.08 4.88 0.33
CA LEU A 94 -3.87 4.39 -1.03
C LEU A 94 -4.72 5.16 -2.03
N ILE A 95 -6.02 5.35 -1.75
CA ILE A 95 -6.86 6.07 -2.69
C ILE A 95 -6.34 7.48 -2.93
N LEU A 96 -6.00 8.18 -1.86
CA LEU A 96 -5.50 9.54 -1.99
C LEU A 96 -4.26 9.58 -2.87
N LEU A 97 -3.32 8.66 -2.62
CA LEU A 97 -2.10 8.63 -3.44
C LEU A 97 -2.43 8.35 -4.90
N LEU A 98 -3.32 7.40 -5.17
CA LEU A 98 -3.67 7.07 -6.53
C LEU A 98 -4.36 8.22 -7.24
N LYS A 99 -4.97 9.14 -6.51
CA LYS A 99 -5.62 10.30 -7.11
C LYS A 99 -4.79 11.57 -7.01
N GLY A 100 -3.50 11.45 -6.75
CA GLY A 100 -2.58 12.55 -6.93
C GLY A 100 -2.11 13.25 -5.68
N ALA A 101 -2.37 12.71 -4.50
CA ALA A 101 -1.90 13.38 -3.28
C ALA A 101 -0.40 13.50 -3.29
N ASP A 102 0.10 14.65 -2.86
CA ASP A 102 1.52 14.90 -2.73
C ASP A 102 2.02 14.14 -1.51
N VAL A 103 2.81 13.10 -1.75
CA VAL A 103 3.26 12.24 -0.67
C VAL A 103 4.19 12.98 0.27
N ASN A 104 4.79 14.09 -0.17
CA ASN A 104 5.75 14.83 0.62
C ASN A 104 5.23 16.18 1.09
N ALA A 105 3.92 16.37 1.11
CA ALA A 105 3.35 17.56 1.68
C ALA A 105 3.79 17.69 3.14
N TYR A 106 4.02 18.92 3.58
CA TYR A 106 4.39 19.11 4.98
C TYR A 106 3.48 20.10 5.67
N ASP A 107 3.23 19.85 6.93
CA ASP A 107 2.36 20.68 7.73
C ASP A 107 3.15 21.82 8.37
N LEU A 108 2.50 22.59 9.25
CA LEU A 108 3.15 23.74 9.87
C LEU A 108 4.39 23.38 10.68
N ASN A 109 4.53 22.12 11.11
CA ASN A 109 5.69 21.61 11.83
C ASN A 109 6.70 20.93 10.92
N GLY A 110 6.52 21.03 9.61
CA GLY A 110 7.39 20.34 8.69
C GLY A 110 7.19 18.86 8.63
N ALA A 111 6.12 18.33 9.25
CA ALA A 111 5.90 16.90 9.24
C ALA A 111 5.26 16.51 7.92
N THR A 112 5.81 15.47 7.31
CA THR A 112 5.21 14.80 6.17
C THR A 112 4.37 13.63 6.64
N PRO A 113 3.58 13.06 5.74
CA PRO A 113 2.84 11.85 6.10
C PRO A 113 3.73 10.73 6.59
N LEU A 114 4.92 10.59 6.01
CA LEU A 114 5.85 9.57 6.50
C LEU A 114 6.24 9.79 7.95
N HIS A 115 6.52 11.03 8.36
CA HIS A 115 6.81 11.27 9.76
C HIS A 115 5.65 10.81 10.64
N LEU A 116 4.43 11.15 10.25
CA LEU A 116 3.27 10.87 11.09
C LEU A 116 3.00 9.38 11.18
N ALA A 117 3.12 8.69 10.06
CA ALA A 117 2.93 7.25 10.08
C ALA A 117 4.02 6.57 10.90
N ALA A 118 5.25 7.06 10.80
CA ALA A 118 6.33 6.51 11.61
C ALA A 118 6.07 6.75 13.09
N ARG A 119 5.63 7.96 13.45
CA ARG A 119 5.38 8.27 14.85
C ARG A 119 4.30 7.35 15.43
N MET A 120 3.29 7.03 14.64
CA MET A 120 2.19 6.22 15.11
C MET A 120 2.49 4.72 14.97
N GLY A 121 3.62 4.36 14.38
CA GLY A 121 3.98 2.96 14.24
C GLY A 121 3.26 2.19 13.16
N HIS A 122 2.69 2.87 12.17
CA HIS A 122 1.89 2.22 11.12
C HIS A 122 2.84 1.69 10.03
N LYS A 123 3.30 0.46 10.22
CA LYS A 123 4.35 -0.10 9.36
C LYS A 123 3.90 -0.22 7.91
N ARG A 124 2.70 -0.75 7.68
CA ARG A 124 2.27 -0.94 6.29
C ARG A 124 2.10 0.41 5.59
N ILE A 125 1.57 1.42 6.29
CA ILE A 125 1.46 2.75 5.70
C ILE A 125 2.82 3.32 5.40
N VAL A 126 3.79 3.16 6.30
CA VAL A 126 5.15 3.60 6.00
C VAL A 126 5.64 2.98 4.69
N LEU A 127 5.47 1.66 4.54
CA LEU A 127 5.89 0.99 3.31
C LEU A 127 5.19 1.54 2.09
N VAL A 128 3.87 1.75 2.17
CA VAL A 128 3.11 2.35 1.09
C VAL A 128 3.66 3.72 0.73
N LEU A 129 3.91 4.56 1.73
CA LEU A 129 4.39 5.90 1.44
C LEU A 129 5.74 5.85 0.75
N ILE A 130 6.64 4.97 1.21
CA ILE A 130 7.93 4.82 0.53
C ILE A 130 7.72 4.42 -0.93
N LEU A 131 6.85 3.42 -1.15
CA LEU A 131 6.54 2.96 -2.50
C LEU A 131 6.02 4.09 -3.39
N ALA A 132 5.24 5.01 -2.80
CA ALA A 132 4.66 6.14 -3.50
C ALA A 132 5.60 7.31 -3.70
N GLY A 133 6.86 7.22 -3.28
CA GLY A 133 7.82 8.27 -3.49
C GLY A 133 8.06 9.18 -2.33
N ALA A 134 7.79 8.74 -1.10
CA ALA A 134 8.10 9.56 0.06
C ALA A 134 9.60 9.83 0.13
N ASP A 135 9.95 11.05 0.49
CA ASP A 135 11.33 11.47 0.71
C ASP A 135 11.74 11.00 2.09
N VAL A 136 12.51 9.91 2.16
CA VAL A 136 12.88 9.36 3.46
CA VAL A 136 12.89 9.35 3.45
C VAL A 136 13.86 10.27 4.19
N ASN A 137 14.51 11.19 3.50
CA ASN A 137 15.41 12.14 4.11
C ASN A 137 14.73 13.43 4.56
N ALA A 138 13.42 13.54 4.44
CA ALA A 138 12.72 14.76 4.86
C ALA A 138 12.91 14.97 6.36
N GLN A 139 13.26 16.20 6.74
CA GLN A 139 13.43 16.58 8.13
C GLN A 139 12.24 17.43 8.55
N ASP A 140 11.74 17.22 9.75
CA ASP A 140 10.73 18.13 10.26
C ASP A 140 11.40 19.40 10.78
N LYS A 141 10.62 20.29 11.39
CA LYS A 141 11.11 21.56 11.89
C LYS A 141 12.21 21.38 12.92
N PHE A 142 12.32 20.18 13.49
CA PHE A 142 13.29 19.88 14.54
C PHE A 142 14.41 18.97 14.08
N GLY A 143 14.56 18.74 12.77
CA GLY A 143 15.67 17.98 12.27
C GLY A 143 15.46 16.48 12.23
N LYS A 144 14.27 16.00 12.57
CA LYS A 144 14.00 14.58 12.68
C LYS A 144 13.54 14.01 11.34
N THR A 145 14.16 12.92 10.92
CA THR A 145 13.61 12.10 9.86
C THR A 145 12.69 11.02 10.44
N ALA A 146 12.00 10.31 9.56
CA ALA A 146 11.18 9.19 10.00
C ALA A 146 12.04 8.11 10.62
N PHE A 147 13.25 7.90 10.07
CA PHE A 147 14.20 6.99 10.72
C PHE A 147 14.48 7.41 12.16
N ASP A 148 14.80 8.69 12.37
CA ASP A 148 15.06 9.15 13.73
C ASP A 148 13.89 8.85 14.66
N ILE A 149 12.67 9.11 14.18
CA ILE A 149 11.48 8.87 14.99
C ILE A 149 11.37 7.40 15.36
N SER A 150 11.62 6.52 14.41
CA SER A 150 11.56 5.08 14.69
CA SER A 150 11.55 5.08 14.69
C SER A 150 12.58 4.68 15.73
N ILE A 151 13.79 5.25 15.66
CA ILE A 151 14.81 4.99 16.68
C ILE A 151 14.35 5.48 18.05
N ASP A 152 13.86 6.72 18.11
CA ASP A 152 13.39 7.27 19.38
C ASP A 152 12.30 6.42 19.99
N ASN A 153 11.44 5.81 19.17
CA ASN A 153 10.36 4.97 19.64
C ASN A 153 10.78 3.54 19.90
N GLY A 154 12.03 3.18 19.61
CA GLY A 154 12.49 1.82 19.79
C GLY A 154 11.89 0.85 18.80
N ASN A 155 11.46 1.34 17.65
CA ASN A 155 10.82 0.52 16.62
C ASN A 155 11.89 0.01 15.67
N GLU A 156 12.50 -1.12 16.06
CA GLU A 156 13.61 -1.66 15.29
C GLU A 156 13.16 -2.04 13.88
N ASP A 157 11.96 -2.62 13.75
CA ASP A 157 11.46 -3.03 12.44
C ASP A 157 11.37 -1.83 11.50
N LEU A 158 10.79 -0.74 11.97
CA LEU A 158 10.61 0.44 11.14
C LEU A 158 11.95 1.08 10.82
N ALA A 159 12.86 1.09 11.79
CA ALA A 159 14.18 1.68 11.57
C ALA A 159 14.88 1.01 10.40
N LYS A 160 14.86 -0.32 10.34
CA LYS A 160 15.49 -1.02 9.24
C LYS A 160 14.79 -0.72 7.93
N ILE A 161 13.46 -0.63 7.94
CA ILE A 161 12.73 -0.27 6.73
C ILE A 161 13.19 1.08 6.23
N LEU A 162 13.49 1.98 7.15
CA LEU A 162 13.91 3.32 6.78
C LEU A 162 15.43 3.47 6.69
N GLN A 163 16.20 2.51 7.21
CA GLN A 163 17.65 2.62 7.16
C GLN A 163 18.15 2.60 5.72
N LYS A 164 19.23 3.33 5.47
CA LYS A 164 19.89 3.34 4.17
C LYS A 164 21.02 2.32 4.20
N HIS B 8 26.66 -28.50 -0.67
CA HIS B 8 26.17 -27.40 -1.51
C HIS B 8 24.66 -27.60 -1.82
N SER B 9 24.35 -28.75 -2.38
CA SER B 9 22.96 -29.19 -2.41
C SER B 9 22.40 -29.25 -1.00
N ASP B 10 23.20 -29.69 -0.04
CA ASP B 10 22.70 -29.92 1.31
C ASP B 10 22.27 -28.63 1.99
N LEU B 11 23.12 -27.59 1.98
CA LEU B 11 22.71 -26.33 2.63
C LEU B 11 21.49 -25.73 1.96
N GLY B 12 21.40 -25.86 0.63
CA GLY B 12 20.23 -25.36 -0.07
C GLY B 12 18.95 -26.07 0.35
N LYS B 13 19.02 -27.38 0.51
CA LYS B 13 17.86 -28.13 0.98
C LYS B 13 17.49 -27.71 2.39
N LYS B 14 18.48 -27.49 3.26
CA LYS B 14 18.20 -27.05 4.61
C LYS B 14 17.51 -25.71 4.60
N LEU B 15 17.95 -24.83 3.70
CA LEU B 15 17.37 -23.49 3.61
C LEU B 15 15.93 -23.55 3.10
N LEU B 16 15.67 -24.39 2.10
CA LEU B 16 14.29 -24.57 1.65
C LEU B 16 13.39 -25.01 2.81
N LYS B 17 13.86 -25.99 3.60
CA LYS B 17 13.06 -26.49 4.71
C LYS B 17 12.84 -25.42 5.77
N ALA B 18 13.88 -24.67 6.10
CA ALA B 18 13.76 -23.62 7.11
C ALA B 18 12.82 -22.52 6.66
N ALA B 19 12.89 -22.14 5.38
CA ALA B 19 11.99 -21.13 4.85
C ALA B 19 10.55 -21.60 4.90
N ARG B 20 10.30 -22.84 4.49
CA ARG B 20 8.94 -23.37 4.56
C ARG B 20 8.42 -23.37 5.98
N ALA B 21 9.26 -23.76 6.93
CA ALA B 21 8.83 -23.89 8.30
C ALA B 21 8.77 -22.57 9.04
N GLY B 22 9.24 -21.48 8.43
CA GLY B 22 9.24 -20.19 9.09
C GLY B 22 10.25 -20.04 10.20
N GLN B 23 11.41 -20.67 10.06
CA GLN B 23 12.42 -20.70 11.12
C GLN B 23 13.41 -19.58 10.86
N LYS B 24 13.13 -18.40 11.43
CA LYS B 24 13.86 -17.19 11.04
C LYS B 24 15.32 -17.27 11.43
N ASP B 25 15.61 -17.72 12.65
CA ASP B 25 17.01 -17.77 13.05
C ASP B 25 17.78 -18.82 12.27
N GLU B 26 17.13 -19.92 11.90
CA GLU B 26 17.82 -20.91 11.07
C GLU B 26 18.12 -20.36 9.69
N VAL B 27 17.19 -19.61 9.10
CA VAL B 27 17.47 -18.96 7.82
C VAL B 27 18.71 -18.06 7.95
N ARG B 28 18.78 -17.28 9.04
CA ARG B 28 19.94 -16.39 9.21
C ARG B 28 21.25 -17.15 9.34
N ILE B 29 21.27 -18.23 10.14
CA ILE B 29 22.51 -18.99 10.27
C ILE B 29 22.90 -19.65 8.95
N LEU B 30 21.92 -20.23 8.24
CA LEU B 30 22.24 -20.87 6.98
C LEU B 30 22.81 -19.86 5.99
N MET B 31 22.25 -18.66 5.95
CA MET B 31 22.79 -17.63 5.07
CA MET B 31 22.79 -17.62 5.09
C MET B 31 24.20 -17.25 5.49
N ALA B 32 24.44 -17.11 6.79
CA ALA B 32 25.77 -16.78 7.27
C ALA B 32 26.78 -17.87 6.94
N ASN B 33 26.32 -19.11 6.75
CA ASN B 33 27.19 -20.24 6.42
C ASN B 33 27.27 -20.50 4.92
N GLY B 34 26.73 -19.60 4.10
CA GLY B 34 26.92 -19.69 2.65
C GLY B 34 25.87 -20.46 1.88
N ALA B 35 24.69 -20.69 2.46
CA ALA B 35 23.66 -21.43 1.74
C ALA B 35 23.27 -20.69 0.46
N ASP B 36 22.94 -21.45 -0.57
CA ASP B 36 22.46 -20.89 -1.83
C ASP B 36 21.07 -20.31 -1.64
N VAL B 37 20.96 -18.99 -1.67
CA VAL B 37 19.71 -18.30 -1.42
C VAL B 37 18.67 -18.61 -2.50
N ASN B 38 19.12 -19.07 -3.67
CA ASN B 38 18.24 -19.39 -4.79
C ASN B 38 18.15 -20.89 -5.05
N ALA B 39 18.38 -21.70 -4.02
CA ALA B 39 18.20 -23.13 -4.12
C ALA B 39 16.80 -23.43 -4.64
N THR B 40 16.68 -24.41 -5.52
CA THR B 40 15.42 -24.66 -6.20
CA THR B 40 15.40 -24.67 -6.19
C THR B 40 15.07 -26.14 -6.07
N ASP B 41 13.80 -26.42 -5.83
CA ASP B 41 13.39 -27.81 -5.77
CA ASP B 41 13.29 -27.77 -5.73
C ASP B 41 12.71 -28.23 -7.07
N ILE B 42 12.08 -29.41 -7.07
CA ILE B 42 11.55 -29.99 -8.29
C ILE B 42 10.44 -29.13 -8.91
N TRP B 43 9.68 -28.44 -8.09
CA TRP B 43 8.65 -27.53 -8.57
C TRP B 43 9.22 -26.19 -9.03
N ASP B 44 10.56 -26.04 -8.97
CA ASP B 44 11.23 -24.77 -9.20
C ASP B 44 10.88 -23.73 -8.15
N ALA B 45 10.45 -24.18 -7.00
CA ALA B 45 10.23 -23.31 -5.85
C ALA B 45 11.56 -22.97 -5.19
N THR B 46 11.72 -21.71 -4.83
CA THR B 46 12.88 -21.19 -4.10
C THR B 46 12.49 -20.86 -2.68
N PRO B 47 13.47 -20.63 -1.80
CA PRO B 47 13.13 -20.21 -0.43
C PRO B 47 12.20 -19.01 -0.41
N LEU B 48 12.40 -18.05 -1.32
CA LEU B 48 11.54 -16.88 -1.35
C LEU B 48 10.09 -17.24 -1.71
N HIS B 49 9.89 -18.20 -2.62
CA HIS B 49 8.52 -18.65 -2.88
C HIS B 49 7.87 -19.18 -1.63
N LEU B 50 8.58 -20.02 -0.88
CA LEU B 50 8.00 -20.63 0.31
CA LEU B 50 7.99 -20.63 0.31
C LEU B 50 7.66 -19.56 1.34
N ALA B 51 8.56 -18.62 1.56
CA ALA B 51 8.32 -17.59 2.56
C ALA B 51 7.18 -16.68 2.15
N ALA B 52 7.06 -16.38 0.85
CA ALA B 52 5.99 -15.55 0.34
C ALA B 52 4.65 -16.25 0.41
N LEU B 53 4.63 -17.57 0.22
CA LEU B 53 3.39 -18.34 0.34
C LEU B 53 2.89 -18.37 1.77
N ILE B 54 3.77 -18.72 2.72
CA ILE B 54 3.28 -18.95 4.06
CA ILE B 54 3.38 -18.94 4.12
C ILE B 54 3.14 -17.64 4.83
N GLY B 55 3.78 -16.57 4.38
CA GLY B 55 3.61 -15.27 4.98
C GLY B 55 4.66 -14.86 5.97
N HIS B 56 5.92 -15.32 5.80
N HIS B 56 5.88 -15.35 5.85
CA HIS B 56 7.02 -15.11 6.74
CA HIS B 56 6.90 -14.99 6.82
C HIS B 56 7.76 -13.81 6.37
C HIS B 56 7.64 -13.77 6.32
N ALA B 57 7.28 -12.64 6.88
CA ALA B 57 7.77 -11.37 6.35
C ALA B 57 9.25 -11.15 6.65
N GLU B 58 9.71 -11.47 7.86
CA GLU B 58 11.12 -11.29 8.20
C GLU B 58 11.99 -12.18 7.32
N ILE B 59 11.59 -13.42 7.09
CA ILE B 59 12.35 -14.30 6.22
C ILE B 59 12.40 -13.76 4.79
N VAL B 60 11.27 -13.26 4.27
CA VAL B 60 11.30 -12.63 2.95
C VAL B 60 12.36 -11.54 2.90
N ALA B 61 12.35 -10.66 3.91
CA ALA B 61 13.31 -9.57 3.90
C ALA B 61 14.75 -10.06 4.00
N VAL B 62 15.02 -11.05 4.88
CA VAL B 62 16.37 -11.59 5.01
C VAL B 62 16.84 -12.21 3.71
N LEU B 63 15.99 -12.99 3.05
CA LEU B 63 16.38 -13.60 1.79
C LEU B 63 16.72 -12.54 0.75
N LEU B 64 15.90 -11.50 0.66
CA LEU B 64 16.14 -10.44 -0.31
C LEU B 64 17.45 -9.72 -0.02
N GLU B 65 17.74 -9.46 1.26
CA GLU B 65 18.98 -8.82 1.65
C GLU B 65 20.19 -9.64 1.22
N ASN B 66 20.03 -10.95 1.12
CA ASN B 66 21.11 -11.86 0.76
C ASN B 66 21.11 -12.27 -0.71
N GLY B 67 20.38 -11.56 -1.55
CA GLY B 67 20.48 -11.75 -2.97
C GLY B 67 19.46 -12.69 -3.58
N ALA B 68 18.38 -13.00 -2.87
CA ALA B 68 17.37 -13.86 -3.46
C ALA B 68 16.84 -13.22 -4.73
N ASP B 69 16.57 -14.06 -5.72
CA ASP B 69 15.98 -13.61 -6.98
C ASP B 69 14.52 -13.29 -6.76
N VAL B 70 14.18 -11.99 -6.78
CA VAL B 70 12.86 -11.57 -6.42
C VAL B 70 11.85 -11.98 -7.49
N ASN B 71 12.31 -12.25 -8.72
CA ASN B 71 11.46 -12.55 -9.85
C ASN B 71 11.53 -14.02 -10.27
N ALA B 72 12.06 -14.87 -9.42
CA ALA B 72 12.11 -16.30 -9.73
C ALA B 72 10.71 -16.82 -10.02
N SER B 73 10.60 -17.66 -11.05
CA SER B 73 9.35 -18.28 -11.45
C SER B 73 9.44 -19.77 -11.22
N ASP B 74 8.39 -20.34 -10.67
CA ASP B 74 8.31 -21.79 -10.50
C ASP B 74 7.84 -22.44 -11.81
N ILE B 75 7.57 -23.74 -11.75
CA ILE B 75 7.24 -24.51 -12.95
C ILE B 75 5.92 -24.08 -13.54
N THR B 76 5.07 -23.38 -12.79
CA THR B 76 3.83 -22.82 -13.32
C THR B 76 3.97 -21.35 -13.72
N GLY B 77 5.18 -20.82 -13.69
CA GLY B 77 5.36 -19.41 -14.00
C GLY B 77 5.01 -18.48 -12.87
N THR B 78 4.84 -19.01 -11.67
CA THR B 78 4.41 -18.24 -10.52
C THR B 78 5.60 -17.65 -9.79
N THR B 79 5.54 -16.36 -9.51
CA THR B 79 6.58 -15.64 -8.78
C THR B 79 6.21 -15.47 -7.33
N PRO B 80 7.17 -15.09 -6.49
CA PRO B 80 6.81 -14.78 -5.09
C PRO B 80 5.74 -13.71 -4.98
N LEU B 81 5.76 -12.69 -5.86
CA LEU B 81 4.72 -11.66 -5.83
C LEU B 81 3.35 -12.24 -6.13
N HIS B 82 3.25 -13.14 -7.10
CA HIS B 82 1.97 -13.82 -7.34
C HIS B 82 1.46 -14.49 -6.08
N LEU B 83 2.35 -15.24 -5.39
CA LEU B 83 1.95 -15.97 -4.20
C LEU B 83 1.47 -15.04 -3.12
N ALA B 84 2.25 -13.99 -2.83
CA ALA B 84 1.86 -13.05 -1.78
C ALA B 84 0.57 -12.35 -2.11
N ALA B 85 0.38 -11.99 -3.37
CA ALA B 85 -0.86 -11.31 -3.79
C ALA B 85 -2.07 -12.23 -3.69
N THR B 86 -1.91 -13.51 -4.00
CA THR B 86 -3.03 -14.45 -3.89
C THR B 86 -3.38 -14.73 -2.44
N MET B 87 -2.39 -14.85 -1.58
CA MET B 87 -2.60 -15.24 -0.19
C MET B 87 -3.07 -14.07 0.67
N GLY B 88 -2.94 -12.84 0.17
CA GLY B 88 -3.32 -11.67 0.94
C GLY B 88 -2.27 -11.18 1.90
N HIS B 89 -0.99 -11.41 1.62
CA HIS B 89 0.08 -11.00 2.54
C HIS B 89 0.55 -9.58 2.18
N ASP B 90 -0.16 -8.59 2.74
CA ASP B 90 0.04 -7.19 2.37
C ASP B 90 1.49 -6.75 2.54
N GLU B 91 2.06 -6.99 3.73
CA GLU B 91 3.41 -6.52 4.01
C GLU B 91 4.41 -7.15 3.06
N ILE B 92 4.26 -8.44 2.78
CA ILE B 92 5.17 -9.12 1.87
C ILE B 92 5.05 -8.56 0.45
N VAL B 93 3.83 -8.29 -0.01
CA VAL B 93 3.67 -7.65 -1.33
C VAL B 93 4.50 -6.37 -1.39
N LEU B 94 4.40 -5.55 -0.33
CA LEU B 94 5.11 -4.28 -0.32
C LEU B 94 6.63 -4.47 -0.31
N ILE B 95 7.14 -5.39 0.52
CA ILE B 95 8.57 -5.65 0.58
C ILE B 95 9.09 -6.11 -0.78
N LEU B 96 8.38 -7.05 -1.40
CA LEU B 96 8.81 -7.55 -2.70
C LEU B 96 8.86 -6.42 -3.72
N LEU B 97 7.83 -5.59 -3.76
CA LEU B 97 7.81 -4.49 -4.71
C LEU B 97 8.96 -3.51 -4.46
N LEU B 98 9.23 -3.21 -3.19
CA LEU B 98 10.31 -2.27 -2.89
C LEU B 98 11.68 -2.83 -3.22
N LYS B 99 11.80 -4.15 -3.30
CA LYS B 99 13.04 -4.81 -3.67
C LYS B 99 13.03 -5.27 -5.13
N GLY B 100 12.17 -4.70 -5.95
CA GLY B 100 12.30 -4.82 -7.38
C GLY B 100 11.45 -5.87 -8.05
N ALA B 101 10.48 -6.44 -7.35
CA ALA B 101 9.62 -7.42 -8.00
C ALA B 101 8.97 -6.84 -9.25
N ASP B 102 8.90 -7.64 -10.29
CA ASP B 102 8.26 -7.27 -11.53
C ASP B 102 6.75 -7.32 -11.33
N VAL B 103 6.13 -6.15 -11.27
CA VAL B 103 4.73 -6.06 -10.95
C VAL B 103 3.89 -6.67 -12.07
N ASN B 104 4.45 -6.81 -13.28
CA ASN B 104 3.70 -7.30 -14.43
C ASN B 104 4.12 -8.69 -14.86
N ALA B 105 4.77 -9.44 -13.99
CA ALA B 105 5.08 -10.83 -14.28
C ALA B 105 3.79 -11.59 -14.54
N TYR B 106 3.85 -12.58 -15.43
CA TYR B 106 2.66 -13.37 -15.72
C TYR B 106 2.96 -14.85 -15.62
N ASP B 107 1.94 -15.60 -15.19
CA ASP B 107 2.09 -17.03 -14.98
C ASP B 107 1.66 -17.75 -16.24
N LEU B 108 1.56 -19.07 -16.17
CA LEU B 108 1.29 -19.83 -17.41
C LEU B 108 -0.08 -19.52 -18.02
N ASN B 109 -0.95 -18.81 -17.31
CA ASN B 109 -2.26 -18.36 -17.79
C ASN B 109 -2.29 -16.90 -18.20
N GLY B 110 -1.15 -16.25 -18.28
CA GLY B 110 -1.13 -14.83 -18.50
C GLY B 110 -1.63 -14.02 -17.34
N ALA B 111 -1.79 -14.62 -16.13
CA ALA B 111 -2.29 -13.87 -14.99
C ALA B 111 -1.15 -13.12 -14.32
N THR B 112 -1.37 -11.84 -14.07
CA THR B 112 -0.43 -11.05 -13.30
C THR B 112 -0.83 -11.07 -11.84
N PRO B 113 0.03 -10.57 -10.96
CA PRO B 113 -0.37 -10.47 -9.56
C PRO B 113 -1.63 -9.64 -9.36
N LEU B 114 -1.86 -8.62 -10.22
CA LEU B 114 -3.08 -7.82 -10.12
C LEU B 114 -4.33 -8.67 -10.39
N HIS B 115 -4.27 -9.54 -11.40
CA HIS B 115 -5.40 -10.42 -11.65
C HIS B 115 -5.68 -11.27 -10.44
N LEU B 116 -4.64 -11.85 -9.85
CA LEU B 116 -4.83 -12.78 -8.75
C LEU B 116 -5.38 -12.08 -7.52
N ALA B 117 -4.86 -10.90 -7.20
CA ALA B 117 -5.38 -10.17 -6.05
C ALA B 117 -6.83 -9.78 -6.28
N ALA B 118 -7.16 -9.38 -7.50
CA ALA B 118 -8.56 -9.06 -7.79
C ALA B 118 -9.45 -10.30 -7.65
N ARG B 119 -8.99 -11.43 -8.15
CA ARG B 119 -9.76 -12.66 -8.06
C ARG B 119 -10.05 -13.03 -6.61
N MET B 120 -9.08 -12.82 -5.73
CA MET B 120 -9.22 -13.19 -4.33
C MET B 120 -9.86 -12.07 -3.52
N GLY B 121 -10.13 -10.94 -4.14
CA GLY B 121 -10.82 -9.87 -3.46
C GLY B 121 -9.96 -9.12 -2.46
N HIS B 122 -8.64 -9.13 -2.64
CA HIS B 122 -7.73 -8.45 -1.73
C HIS B 122 -7.62 -7.00 -2.17
N LYS B 123 -8.54 -6.16 -1.69
CA LYS B 123 -8.65 -4.79 -2.18
C LYS B 123 -7.41 -3.96 -1.93
N ARG B 124 -6.86 -4.00 -0.71
CA ARG B 124 -5.66 -3.17 -0.43
C ARG B 124 -4.49 -3.59 -1.31
N ILE B 125 -4.31 -4.90 -1.52
CA ILE B 125 -3.22 -5.35 -2.38
C ILE B 125 -3.43 -4.88 -3.81
N VAL B 126 -4.67 -4.96 -4.32
CA VAL B 126 -4.92 -4.42 -5.65
C VAL B 126 -4.47 -2.97 -5.71
N LEU B 127 -4.86 -2.16 -4.72
CA LEU B 127 -4.47 -0.76 -4.73
C LEU B 127 -2.96 -0.58 -4.69
N VAL B 128 -2.26 -1.36 -3.86
CA VAL B 128 -0.79 -1.32 -3.81
C VAL B 128 -0.18 -1.64 -5.16
N LEU B 129 -0.70 -2.67 -5.83
CA LEU B 129 -0.13 -3.05 -7.11
C LEU B 129 -0.34 -1.96 -8.14
N ILE B 130 -1.51 -1.29 -8.14
CA ILE B 130 -1.71 -0.16 -9.03
C ILE B 130 -0.66 0.92 -8.74
N LEU B 131 -0.50 1.25 -7.46
CA LEU B 131 0.46 2.28 -7.06
C LEU B 131 1.85 1.94 -7.55
N ALA B 132 2.21 0.65 -7.53
CA ALA B 132 3.51 0.19 -7.96
C ALA B 132 3.67 0.12 -9.47
N GLY B 133 2.66 0.42 -10.25
CA GLY B 133 2.78 0.44 -11.69
C GLY B 133 2.20 -0.75 -12.40
N ALA B 134 1.35 -1.55 -11.75
CA ALA B 134 0.74 -2.68 -12.44
C ALA B 134 -0.02 -2.17 -13.66
N ASP B 135 0.08 -2.90 -14.76
CA ASP B 135 -0.64 -2.57 -15.98
C ASP B 135 -2.10 -3.00 -15.79
N VAL B 136 -2.96 -2.05 -15.48
CA VAL B 136 -4.34 -2.42 -15.20
C VAL B 136 -5.05 -2.88 -16.45
N ASN B 137 -4.51 -2.55 -17.63
CA ASN B 137 -5.13 -2.97 -18.88
C ASN B 137 -4.68 -4.34 -19.35
N ALA B 138 -3.82 -5.03 -18.58
CA ALA B 138 -3.34 -6.35 -18.97
C ALA B 138 -4.48 -7.35 -18.94
N GLN B 139 -4.54 -8.19 -19.96
CA GLN B 139 -5.56 -9.22 -20.07
C GLN B 139 -4.92 -10.57 -19.84
N ASP B 140 -5.62 -11.45 -19.15
CA ASP B 140 -5.16 -12.82 -19.03
C ASP B 140 -5.45 -13.55 -20.33
N LYS B 141 -5.10 -14.85 -20.39
CA LYS B 141 -5.20 -15.60 -21.64
C LYS B 141 -6.61 -15.60 -22.20
N PHE B 142 -7.60 -15.28 -21.38
CA PHE B 142 -9.00 -15.29 -21.80
C PHE B 142 -9.59 -13.90 -22.00
N GLY B 143 -8.78 -12.87 -21.90
CA GLY B 143 -9.27 -11.54 -22.16
C GLY B 143 -9.72 -10.74 -20.97
N LYS B 144 -9.60 -11.26 -19.74
CA LYS B 144 -10.12 -10.57 -18.56
C LYS B 144 -9.08 -9.63 -17.98
N THR B 145 -9.53 -8.43 -17.59
CA THR B 145 -8.75 -7.51 -16.76
C THR B 145 -9.16 -7.63 -15.29
N ALA B 146 -8.31 -7.07 -14.43
CA ALA B 146 -8.67 -6.96 -13.02
C ALA B 146 -9.99 -6.19 -12.83
N PHE B 147 -10.27 -5.19 -13.69
CA PHE B 147 -11.55 -4.49 -13.66
C PHE B 147 -12.70 -5.48 -13.86
N ASP B 148 -12.61 -6.28 -14.91
CA ASP B 148 -13.63 -7.30 -15.22
C ASP B 148 -13.82 -8.25 -14.04
N ILE B 149 -12.72 -8.77 -13.49
CA ILE B 149 -12.78 -9.69 -12.36
C ILE B 149 -13.47 -9.04 -11.18
N SER B 150 -13.19 -7.77 -10.94
CA SER B 150 -13.77 -7.07 -9.79
C SER B 150 -15.26 -6.87 -9.97
N ILE B 151 -15.70 -6.60 -11.20
CA ILE B 151 -17.13 -6.54 -11.50
C ILE B 151 -17.76 -7.90 -11.26
N ASP B 152 -17.12 -8.96 -11.75
CA ASP B 152 -17.64 -10.31 -11.57
C ASP B 152 -17.75 -10.67 -10.09
N ASN B 153 -16.87 -10.14 -9.26
CA ASN B 153 -16.87 -10.41 -7.83
C ASN B 153 -17.72 -9.43 -7.03
N GLY B 154 -18.39 -8.49 -7.68
CA GLY B 154 -19.24 -7.55 -6.98
C GLY B 154 -18.49 -6.44 -6.29
N ASN B 155 -17.22 -6.25 -6.64
CA ASN B 155 -16.38 -5.20 -6.05
C ASN B 155 -16.38 -3.98 -6.98
N GLU B 156 -17.55 -3.38 -7.11
CA GLU B 156 -17.68 -2.26 -8.04
C GLU B 156 -16.84 -1.06 -7.62
N ASP B 157 -16.73 -0.82 -6.32
CA ASP B 157 -15.91 0.32 -5.88
C ASP B 157 -14.46 0.12 -6.29
N LEU B 158 -13.97 -1.10 -6.20
CA LEU B 158 -12.57 -1.34 -6.56
C LEU B 158 -12.41 -1.26 -8.07
N ALA B 159 -13.40 -1.73 -8.81
CA ALA B 159 -13.38 -1.60 -10.27
C ALA B 159 -13.24 -0.14 -10.69
N LYS B 160 -13.97 0.76 -10.03
CA LYS B 160 -13.85 2.19 -10.33
C LYS B 160 -12.41 2.69 -10.15
N ILE B 161 -11.76 2.30 -9.05
CA ILE B 161 -10.38 2.74 -8.82
CA ILE B 161 -10.38 2.73 -8.81
C ILE B 161 -9.45 2.15 -9.88
N LEU B 162 -9.70 0.90 -10.28
CA LEU B 162 -8.89 0.26 -11.31
C LEU B 162 -8.96 0.97 -12.65
N GLN B 163 -10.00 1.77 -12.90
CA GLN B 163 -10.04 2.49 -14.16
C GLN B 163 -9.00 3.59 -14.24
N LYS B 164 -8.44 4.02 -13.10
CA LYS B 164 -7.37 5.02 -13.05
C LYS B 164 -7.75 6.30 -13.77
N GLN B 165 -8.93 6.83 -13.45
CA GLN B 165 -9.41 8.08 -14.02
C GLN B 165 -9.43 9.22 -13.01
C1 EDO C . -9.45 23.36 -1.58
O1 EDO C . -8.13 23.68 -1.97
C2 EDO C . -10.03 24.47 -0.72
O2 EDO C . -9.09 24.81 0.32
H11 EDO C . -10.07 23.22 -2.46
H12 EDO C . -9.45 22.42 -1.02
HO1 EDO C . -7.77 22.97 -2.52
H21 EDO C . -10.22 25.34 -1.32
H22 EDO C . -10.97 24.14 -0.27
HO2 EDO C . -9.46 25.51 0.88
C1 EDO D . 3.47 22.29 2.04
O1 EDO D . 3.10 20.98 1.61
C2 EDO D . 3.97 23.09 0.85
O2 EDO D . 2.88 23.31 -0.04
H11 EDO D . 4.27 22.21 2.80
H12 EDO D . 2.62 22.79 2.50
HO1 EDO D . 2.77 20.47 2.36
H21 EDO D . 4.77 22.53 0.34
H22 EDO D . 4.39 24.04 1.19
HO2 EDO D . 3.20 23.82 -0.81
C1 EDO E . -18.43 8.92 11.60
O1 EDO E . -18.42 7.48 11.48
C2 EDO E . -19.79 9.53 11.66
O2 EDO E . -20.61 8.73 12.43
H11 EDO E . -17.88 9.20 12.51
H12 EDO E . -17.88 9.35 10.76
HO1 EDO E . -17.51 7.16 11.45
H21 EDO E . -19.74 10.53 12.07
H22 EDO E . -20.21 9.60 10.64
HO2 EDO E . -21.50 9.11 12.48
C1 EDO F . 0.23 19.67 -0.65
O1 EDO F . 1.49 19.96 -1.24
C2 EDO F . -0.44 20.93 -0.10
O2 EDO F . 0.41 21.48 0.91
H11 EDO F . -0.43 19.20 -1.39
H12 EDO F . 0.37 18.94 0.17
HO1 EDO F . 1.88 19.15 -1.57
H21 EDO F . -0.58 21.64 -0.91
H22 EDO F . -1.41 20.69 0.31
HO2 EDO F . -0.01 22.29 1.26
C1 EDO G . 9.62 -7.62 7.73
O1 EDO G . 10.16 -7.95 9.00
C2 EDO G . 9.84 -6.14 7.50
O2 EDO G . 9.93 -5.52 8.79
H11 EDO G . 10.11 -8.20 6.95
H12 EDO G . 8.55 -7.84 7.70
HO1 EDO G . 10.03 -8.89 9.17
H21 EDO G . 10.78 -5.98 6.94
H22 EDO G . 9.02 -5.71 6.93
HO2 EDO G . 10.07 -4.57 8.67
C1 EDO H . -2.62 0.99 10.30
O1 EDO H . -2.51 0.04 9.25
C2 EDO H . -3.54 0.45 11.39
O2 EDO H . -4.90 0.65 11.01
H11 EDO H . -1.63 1.20 10.72
H12 EDO H . -3.02 1.93 9.91
HO1 EDO H . -1.93 0.38 8.56
H21 EDO H . -3.34 -0.62 11.54
H22 EDO H . -3.34 0.96 12.33
HO2 EDO H . -5.48 0.30 11.70
C1 EDO I . 9.90 4.29 -4.80
O1 EDO I . 9.02 3.43 -5.50
C2 EDO I . 10.57 5.20 -5.83
O2 EDO I . 9.63 6.24 -6.13
H11 EDO I . 9.36 4.90 -4.06
H12 EDO I . 10.66 3.71 -4.27
HO1 EDO I . 8.57 2.84 -4.87
H21 EDO I . 11.50 5.62 -5.44
H22 EDO I . 10.81 4.62 -6.73
HO2 EDO I . 10.02 6.83 -6.79
C1 EDO J . -1.58 0.80 -16.97
O1 EDO J . -1.77 0.70 -15.56
C2 EDO J . -2.66 1.69 -17.52
O2 EDO J . -2.72 2.87 -16.71
H11 EDO J . -1.63 -0.19 -17.43
H12 EDO J . -0.59 1.22 -17.19
HO1 EDO J . -1.09 0.13 -15.18
H21 EDO J . -3.63 1.18 -17.50
H22 EDO J . -2.44 1.97 -18.55
HO2 EDO J . -3.41 3.46 -17.04
C1 EDO K . -9.02 -1.16 -16.81
O1 EDO K . -9.08 -0.96 -15.40
C2 EDO K . -9.99 -0.21 -17.50
O2 EDO K . -9.75 1.13 -17.04
H11 EDO K . -9.29 -2.20 -17.05
H12 EDO K . -8.01 -0.98 -17.17
HO1 EDO K . -8.46 -1.56 -14.96
H21 EDO K . -11.02 -0.50 -17.25
H22 EDO K . -9.88 -0.27 -18.57
HO2 EDO K . -10.36 1.73 -17.48
C1 EDO L . 0.27 -10.48 -19.00
O1 EDO L . -1.15 -10.40 -18.99
C2 EDO L . 0.89 -9.17 -19.51
O2 EDO L . 1.94 -8.76 -18.60
H11 EDO L . 0.64 -10.69 -17.99
H12 EDO L . 0.58 -11.30 -19.65
HO1 EDO L . -1.51 -11.23 -18.66
H21 EDO L . 1.31 -9.32 -20.50
H22 EDO L . 0.13 -8.40 -19.57
HO2 EDO L . 2.33 -7.93 -18.92
C1 PGE M . -6.86 -12.21 3.92
O1 PGE M . -6.93 -13.51 4.48
C2 PGE M . -5.49 -11.65 4.23
O2 PGE M . -5.45 -10.23 4.16
C3 PGE M . -6.18 -9.54 3.14
C4 PGE M . -5.19 -8.90 2.20
O4 PGE M . -7.58 -5.76 1.74
C6 PGE M . -6.90 -6.68 0.87
C5 PGE M . -5.44 -6.87 1.11
O3 PGE M . -5.26 -7.51 2.35
H1 PGE M . -7.62 -11.53 4.34
H12 PGE M . -6.99 -12.23 2.82
HO1 PGE M . -7.78 -13.90 4.22
H2 PGE M . -4.77 -12.09 3.52
H22 PGE M . -5.20 -12.00 5.23
H3 PGE M . -6.82 -8.76 3.58
H32 PGE M . -6.83 -10.24 2.58
H4 PGE M . -4.18 -9.28 2.41
H42 PGE M . -5.46 -9.20 1.16
HO4 PGE M . -8.40 -5.50 1.30
H6 PGE M . -7.01 -6.34 -0.18
H62 PGE M . -7.37 -7.67 0.92
H5 PGE M . -4.93 -5.89 1.09
H52 PGE M . -5.02 -7.49 0.30
#